data_5O1E
#
_entry.id   5O1E
#
_cell.length_a   65.078
_cell.length_b   71.176
_cell.length_c   105.185
_cell.angle_alpha   90.00
_cell.angle_beta   90.00
_cell.angle_gamma   90.00
#
_symmetry.space_group_name_H-M   'P 21 21 21'
#
loop_
_entity.id
_entity.type
_entity.pdbx_description
1 polymer 'Cellular tumor antigen p53'
2 non-polymer 'ZINC ION'
3 non-polymer '3-iodanyl-2-oxidanyl-5-prop-2-enoxy-4-pyrrol-1-yl-benzoic acid'
4 non-polymer GLYCEROL
5 water water
#
_entity_poly.entity_id   1
_entity_poly.type   'polypeptide(L)'
_entity_poly.pdbx_seq_one_letter_code
;SSSVPSQKTYQGSYGFRLGFLHSGTAKSVTCTYSPALNKLFCQLAKTCPVQLWVDSTPPPGTRVRAMAIYKQSQHMTEVV
RRCPHHERCSDSDGLAPPQHLIRVEGNLRAEYLDDRNTFRHSVVVPCEPPEVGSDCTTIHYNYMCYSSCMGGMNRRPILT
IITLEDSSGNLLGRDSFEVRVCACPGRDRRTEEENLRKKGEPHHELPPGSTKRALPNNT
;
_entity_poly.pdbx_strand_id   A,B
#
loop_
_chem_comp.id
_chem_comp.type
_chem_comp.name
_chem_comp.formula
9GT non-polymer '3-iodanyl-2-oxidanyl-5-prop-2-enoxy-4-pyrrol-1-yl-benzoic acid' 'C14 H12 I N O4'
GOL non-polymer GLYCEROL 'C3 H8 O3'
ZN non-polymer 'ZINC ION' 'Zn 2'
#
# COMPACT_ATOMS: atom_id res chain seq x y z
N SER A 3 13.17 6.46 -3.57
CA SER A 3 12.12 5.54 -4.02
C SER A 3 11.63 4.64 -2.89
N VAL A 4 10.64 3.82 -3.22
CA VAL A 4 9.95 2.97 -2.24
C VAL A 4 9.66 1.61 -2.85
N PRO A 5 10.07 0.53 -2.23
CA PRO A 5 9.75 -0.80 -2.76
C PRO A 5 8.25 -1.07 -2.72
N SER A 6 7.75 -1.75 -3.76
CA SER A 6 6.34 -2.11 -3.79
C SER A 6 6.02 -3.11 -2.69
N GLN A 7 4.81 -3.01 -2.14
CA GLN A 7 4.31 -3.98 -1.17
C GLN A 7 3.08 -4.72 -1.69
N LYS A 8 2.79 -4.65 -2.97
CA LYS A 8 1.59 -5.26 -3.51
C LYS A 8 1.70 -6.78 -3.49
N THR A 9 0.71 -7.45 -2.91
CA THR A 9 0.68 -8.90 -2.91
C THR A 9 0.55 -9.41 -4.33
N TYR A 10 1.38 -10.39 -4.69
CA TYR A 10 1.42 -10.87 -6.06
C TYR A 10 1.79 -12.35 -6.01
N GLN A 11 0.83 -13.23 -6.26
CA GLN A 11 1.16 -14.65 -6.20
C GLN A 11 2.00 -15.08 -7.40
N GLY A 12 1.80 -14.46 -8.56
CA GLY A 12 2.58 -14.81 -9.72
C GLY A 12 2.28 -16.20 -10.27
N SER A 13 3.12 -16.60 -11.23
CA SER A 13 2.89 -17.84 -11.97
C SER A 13 2.99 -19.08 -11.10
N TYR A 14 3.73 -19.01 -10.00
CA TYR A 14 3.95 -20.18 -9.14
C TYR A 14 3.02 -20.22 -7.95
N GLY A 15 2.11 -19.27 -7.81
CA GLY A 15 1.19 -19.26 -6.67
C GLY A 15 1.88 -19.04 -5.35
N PHE A 16 2.80 -18.08 -5.29
CA PHE A 16 3.64 -17.87 -4.12
C PHE A 16 2.88 -17.14 -3.02
N ARG A 17 2.98 -17.64 -1.79
CA ARG A 17 2.42 -16.94 -0.63
C ARG A 17 3.10 -17.45 0.64
N LEU A 18 2.97 -16.66 1.70
CA LEU A 18 3.56 -17.00 2.99
C LEU A 18 2.60 -17.81 3.85
N GLY A 19 3.15 -18.45 4.88
CA GLY A 19 2.35 -19.05 5.92
C GLY A 19 3.03 -18.89 7.25
N PHE A 20 2.24 -18.94 8.31
CA PHE A 20 2.77 -18.76 9.66
C PHE A 20 2.21 -19.84 10.58
N LEU A 21 3.03 -20.22 11.57
CA LEU A 21 2.59 -21.16 12.59
C LEU A 21 1.52 -20.53 13.48
N HIS A 22 0.88 -21.36 14.28
CA HIS A 22 -0.13 -20.93 15.25
C HIS A 22 0.45 -21.09 16.66
N SER A 23 1.13 -20.06 17.13
CA SER A 23 1.92 -20.14 18.35
C SER A 23 1.18 -19.69 19.59
N GLY A 24 0.02 -19.06 19.45
CA GLY A 24 -0.74 -18.61 20.60
C GLY A 24 -0.19 -17.31 21.19
N THR A 25 -0.77 -16.91 22.32
CA THR A 25 -0.47 -15.61 22.91
C THR A 25 -0.09 -15.71 24.38
N ALA A 26 0.40 -16.86 24.83
CA ALA A 26 0.87 -16.99 26.21
C ALA A 26 2.03 -16.02 26.47
N LYS A 27 2.19 -15.65 27.74
CA LYS A 27 3.23 -14.70 28.12
C LYS A 27 4.62 -15.17 27.70
N SER A 28 4.82 -16.48 27.59
CA SER A 28 6.12 -17.04 27.26
C SER A 28 6.41 -17.12 25.76
N VAL A 29 5.45 -16.79 24.91
CA VAL A 29 5.66 -16.96 23.47
C VAL A 29 6.70 -15.97 22.98
N THR A 30 7.57 -16.42 22.07
CA THR A 30 8.65 -15.58 21.57
C THR A 30 8.39 -15.04 20.17
N CYS A 31 7.43 -15.62 19.46
CA CYS A 31 7.07 -15.20 18.12
C CYS A 31 5.65 -15.65 17.90
N THR A 32 4.78 -14.75 17.46
CA THR A 32 3.39 -15.11 17.22
C THR A 32 2.80 -14.20 16.14
N TYR A 33 2.00 -14.79 15.27
CA TYR A 33 1.47 -14.11 14.10
C TYR A 33 -0.03 -13.89 14.25
N SER A 34 -0.48 -12.66 13.97
CA SER A 34 -1.89 -12.32 13.98
C SER A 34 -2.44 -12.26 12.57
N PRO A 35 -3.26 -13.22 12.13
CA PRO A 35 -3.89 -13.08 10.82
C PRO A 35 -4.82 -11.88 10.72
N ALA A 36 -5.52 -11.54 11.82
CA ALA A 36 -6.46 -10.44 11.74
C ALA A 36 -5.74 -9.12 11.48
N LEU A 37 -4.53 -8.97 12.00
CA LEU A 37 -3.73 -7.77 11.81
C LEU A 37 -2.69 -7.89 10.69
N ASN A 38 -2.53 -9.09 10.11
CA ASN A 38 -1.39 -9.42 9.24
C ASN A 38 -0.08 -8.90 9.85
N LYS A 39 0.18 -9.32 11.08
CA LYS A 39 1.25 -8.72 11.86
C LYS A 39 1.95 -9.79 12.68
N LEU A 40 3.27 -9.85 12.56
CA LEU A 40 4.09 -10.74 13.35
C LEU A 40 4.62 -9.97 14.56
N PHE A 41 4.52 -10.58 15.73
CA PHE A 41 5.05 -10.01 16.98
C PHE A 41 6.16 -10.95 17.46
N CYS A 42 7.35 -10.40 17.71
CA CYS A 42 8.45 -11.27 18.10
C CYS A 42 9.39 -10.58 19.05
N GLN A 43 10.11 -11.38 19.81
CA GLN A 43 11.17 -10.88 20.69
C GLN A 43 12.45 -10.63 19.89
N LEU A 44 13.32 -9.84 20.49
CA LEU A 44 14.58 -9.45 19.86
C LEU A 44 15.45 -10.68 19.61
N ALA A 45 15.89 -10.84 18.36
CA ALA A 45 16.87 -11.87 17.98
C ALA A 45 16.38 -13.29 18.25
N LYS A 46 15.07 -13.50 18.22
CA LYS A 46 14.53 -14.84 18.37
C LYS A 46 14.05 -15.36 17.02
N THR A 47 14.00 -16.68 16.91
CA THR A 47 13.64 -17.34 15.67
C THR A 47 12.22 -17.00 15.25
N CYS A 48 12.06 -16.57 14.00
CA CYS A 48 10.75 -16.29 13.43
C CYS A 48 10.56 -17.20 12.23
N PRO A 49 9.83 -18.31 12.37
CA PRO A 49 9.63 -19.23 11.23
C PRO A 49 8.61 -18.63 10.27
N VAL A 50 9.00 -18.51 9.01
CA VAL A 50 8.11 -18.04 7.95
C VAL A 50 8.04 -19.13 6.89
N GLN A 51 6.84 -19.63 6.63
CA GLN A 51 6.66 -20.65 5.60
C GLN A 51 6.50 -20.01 4.24
N LEU A 52 7.05 -20.68 3.23
CA LEU A 52 6.87 -20.34 1.83
C LEU A 52 6.05 -21.45 1.18
N TRP A 53 4.99 -21.07 0.48
CA TRP A 53 4.08 -21.99 -0.20
C TRP A 53 4.01 -21.62 -1.67
N VAL A 54 3.97 -22.64 -2.54
CA VAL A 54 3.76 -22.44 -3.97
C VAL A 54 2.77 -23.49 -4.48
N ASP A 55 2.13 -23.18 -5.60
CA ASP A 55 1.32 -24.17 -6.29
C ASP A 55 2.11 -25.01 -7.29
N SER A 56 3.24 -24.50 -7.78
CA SER A 56 4.07 -25.24 -8.73
C SER A 56 5.53 -24.89 -8.48
N THR A 57 6.42 -25.78 -8.91
CA THR A 57 7.84 -25.68 -8.60
C THR A 57 8.49 -24.56 -9.40
N PRO A 58 9.11 -23.57 -8.76
CA PRO A 58 9.84 -22.54 -9.53
C PRO A 58 11.15 -23.09 -10.06
N PRO A 59 11.76 -22.43 -11.05
CA PRO A 59 12.97 -22.96 -11.71
C PRO A 59 14.17 -22.98 -10.78
N PRO A 60 15.15 -23.83 -11.08
CA PRO A 60 16.43 -23.76 -10.35
C PRO A 60 17.02 -22.36 -10.44
N GLY A 61 17.55 -21.87 -9.32
CA GLY A 61 18.09 -20.54 -9.26
C GLY A 61 17.13 -19.48 -8.73
N THR A 62 15.86 -19.83 -8.54
CA THR A 62 14.94 -18.91 -7.90
C THR A 62 15.39 -18.65 -6.46
N ARG A 63 15.17 -17.42 -5.98
CA ARG A 63 15.59 -17.02 -4.65
C ARG A 63 14.46 -16.31 -3.91
N VAL A 64 14.60 -16.18 -2.59
CA VAL A 64 13.63 -15.51 -1.74
C VAL A 64 14.36 -14.40 -0.98
N ARG A 65 13.89 -13.17 -1.14
CA ARG A 65 14.49 -11.99 -0.52
C ARG A 65 13.55 -11.41 0.53
N ALA A 66 14.12 -10.91 1.63
CA ALA A 66 13.37 -10.20 2.66
C ALA A 66 13.96 -8.80 2.83
N MET A 67 13.07 -7.82 2.98
CA MET A 67 13.45 -6.42 3.15
C MET A 67 12.42 -5.74 4.05
N ALA A 68 12.88 -4.84 4.91
CA ALA A 68 11.97 -4.09 5.77
C ALA A 68 11.81 -2.67 5.23
N ILE A 69 10.59 -2.14 5.30
CA ILE A 69 10.31 -0.73 5.04
C ILE A 69 9.44 -0.19 6.16
N TYR A 70 9.48 1.12 6.36
CA TYR A 70 8.54 1.74 7.28
C TYR A 70 7.13 1.70 6.70
N LYS A 71 6.15 1.43 7.57
CA LYS A 71 4.77 1.29 7.11
C LYS A 71 4.11 2.62 6.83
N GLN A 72 4.45 3.66 7.61
CA GLN A 72 3.82 4.97 7.44
C GLN A 72 4.42 5.70 6.25
N SER A 73 3.55 6.30 5.42
CA SER A 73 3.99 6.89 4.17
CA SER A 73 3.99 6.89 4.17
C SER A 73 5.04 7.97 4.41
N GLN A 74 4.90 8.77 5.47
CA GLN A 74 5.84 9.85 5.72
C GLN A 74 7.23 9.38 6.10
N HIS A 75 7.41 8.08 6.35
CA HIS A 75 8.71 7.52 6.67
C HIS A 75 9.20 6.50 5.65
N MET A 76 8.42 6.25 4.59
CA MET A 76 8.70 5.11 3.72
CA MET A 76 8.71 5.10 3.74
C MET A 76 10.02 5.25 2.97
N THR A 77 10.46 6.48 2.72
CA THR A 77 11.72 6.66 1.99
C THR A 77 12.95 6.48 2.87
N GLU A 78 12.78 6.37 4.18
CA GLU A 78 13.93 6.19 5.08
C GLU A 78 14.31 4.73 5.15
N VAL A 79 15.61 4.44 5.02
CA VAL A 79 16.08 3.07 5.12
C VAL A 79 15.87 2.55 6.54
N VAL A 80 15.26 1.37 6.66
CA VAL A 80 15.16 0.69 7.95
C VAL A 80 16.51 0.07 8.27
N ARG A 81 17.07 0.43 9.43
CA ARG A 81 18.38 -0.08 9.82
C ARG A 81 18.40 -0.27 11.33
N ARG A 82 19.41 -0.97 11.81
CA ARG A 82 19.58 -1.08 13.26
C ARG A 82 19.99 0.25 13.86
N CYS A 83 19.65 0.42 15.13
CA CYS A 83 19.84 1.67 15.86
C CYS A 83 21.32 1.87 16.20
N PRO A 84 21.68 3.07 16.67
CA PRO A 84 23.10 3.35 16.93
C PRO A 84 23.71 2.46 17.99
N HIS A 85 22.91 1.93 18.91
CA HIS A 85 23.43 0.99 19.90
C HIS A 85 23.63 -0.39 19.28
N HIS A 86 22.58 -0.96 18.68
CA HIS A 86 22.67 -2.34 18.22
C HIS A 86 23.62 -2.51 17.05
N GLU A 87 23.80 -1.50 16.21
CA GLU A 87 24.76 -1.66 15.12
C GLU A 87 26.19 -1.78 15.63
N ARG A 88 26.44 -1.40 16.90
CA ARG A 88 27.78 -1.42 17.49
C ARG A 88 27.95 -2.50 18.57
N CYS A 89 27.00 -3.42 18.72
N CYS A 89 26.98 -3.42 18.69
CA CYS A 89 27.07 -4.32 19.87
CA CYS A 89 26.97 -4.38 19.79
C CYS A 89 27.82 -5.62 19.57
C CYS A 89 27.95 -5.53 19.61
N SER A 90 28.42 -5.76 18.39
CA SER A 90 29.31 -6.89 18.09
C SER A 90 28.61 -8.23 18.31
N ASP A 91 27.36 -8.33 17.87
CA ASP A 91 26.61 -9.58 17.88
C ASP A 91 26.60 -10.26 16.52
N SER A 92 27.66 -10.05 15.74
CA SER A 92 27.71 -10.58 14.38
CA SER A 92 27.71 -10.58 14.38
C SER A 92 27.68 -12.10 14.40
N ASP A 93 27.06 -12.67 13.36
CA ASP A 93 27.07 -14.09 13.11
C ASP A 93 28.13 -14.49 12.10
N GLY A 94 28.99 -13.54 11.71
CA GLY A 94 30.00 -13.78 10.72
C GLY A 94 29.57 -13.53 9.28
N LEU A 95 28.29 -13.25 9.05
CA LEU A 95 27.78 -13.08 7.70
C LEU A 95 26.90 -11.85 7.55
N ALA A 96 26.01 -11.58 8.49
CA ALA A 96 25.15 -10.41 8.39
C ALA A 96 25.95 -9.16 8.75
N PRO A 97 25.89 -8.11 7.95
CA PRO A 97 26.49 -6.84 8.36
C PRO A 97 25.81 -6.35 9.63
N PRO A 98 26.56 -5.70 10.52
CA PRO A 98 25.97 -5.29 11.81
C PRO A 98 24.85 -4.29 11.69
N GLN A 99 24.71 -3.60 10.54
CA GLN A 99 23.64 -2.62 10.36
C GLN A 99 22.30 -3.25 10.00
N HIS A 100 22.28 -4.50 9.55
CA HIS A 100 21.05 -5.09 9.01
C HIS A 100 20.08 -5.51 10.10
N LEU A 101 18.83 -5.08 9.96
CA LEU A 101 17.79 -5.48 10.91
C LEU A 101 17.44 -6.95 10.77
N ILE A 102 17.26 -7.44 9.54
CA ILE A 102 16.76 -8.79 9.29
C ILE A 102 17.93 -9.71 8.97
N ARG A 103 18.04 -10.79 9.73
CA ARG A 103 18.98 -11.88 9.44
C ARG A 103 18.23 -13.15 9.12
N VAL A 104 18.88 -14.02 8.36
CA VAL A 104 18.44 -15.40 8.20
C VAL A 104 19.31 -16.27 9.09
N GLU A 105 18.66 -17.13 9.86
CA GLU A 105 19.32 -18.01 10.79
C GLU A 105 19.61 -19.36 10.12
N GLY A 106 20.81 -19.88 10.34
CA GLY A 106 21.10 -21.26 9.98
C GLY A 106 21.10 -21.57 8.50
N ASN A 107 21.57 -20.64 7.67
CA ASN A 107 21.67 -20.89 6.23
C ASN A 107 22.94 -20.21 5.73
N LEU A 108 23.97 -21.02 5.49
CA LEU A 108 25.24 -20.47 5.05
C LEU A 108 25.22 -19.91 3.63
N ARG A 109 24.13 -20.13 2.88
CA ARG A 109 23.99 -19.56 1.55
C ARG A 109 23.22 -18.25 1.54
N ALA A 110 22.87 -17.72 2.71
CA ALA A 110 22.25 -16.41 2.76
C ALA A 110 23.24 -15.35 2.29
N GLU A 111 22.74 -14.39 1.54
CA GLU A 111 23.53 -13.27 1.05
CA GLU A 111 23.52 -13.27 1.02
C GLU A 111 22.87 -11.97 1.50
N TYR A 112 23.69 -11.03 1.93
CA TYR A 112 23.22 -9.75 2.44
C TYR A 112 23.58 -8.66 1.45
N LEU A 113 22.59 -7.85 1.08
CA LEU A 113 22.77 -6.82 0.07
C LEU A 113 22.60 -5.45 0.70
N ASP A 114 23.57 -4.57 0.46
CA ASP A 114 23.40 -3.13 0.63
CA ASP A 114 23.43 -3.12 0.62
C ASP A 114 23.24 -2.56 -0.78
N ASP A 115 22.03 -2.12 -1.10
CA ASP A 115 21.74 -1.68 -2.46
C ASP A 115 22.58 -0.45 -2.80
N ARG A 116 23.30 -0.52 -3.92
CA ARG A 116 24.21 0.57 -4.29
C ARG A 116 23.47 1.85 -4.66
N ASN A 117 22.19 1.78 -5.03
CA ASN A 117 21.43 2.96 -5.41
C ASN A 117 20.46 3.43 -4.34
N THR A 118 19.75 2.52 -3.68
CA THR A 118 18.77 2.90 -2.67
C THR A 118 19.31 2.84 -1.25
N PHE A 119 20.45 2.18 -1.04
CA PHE A 119 21.06 1.97 0.26
C PHE A 119 20.23 1.06 1.16
N ARG A 120 19.17 0.46 0.64
CA ARG A 120 18.36 -0.41 1.47
C ARG A 120 19.05 -1.76 1.68
N HIS A 121 18.72 -2.40 2.80
CA HIS A 121 19.29 -3.68 3.17
C HIS A 121 18.31 -4.79 2.82
N SER A 122 18.85 -5.94 2.45
CA SER A 122 18.01 -7.10 2.29
C SER A 122 18.85 -8.35 2.48
N VAL A 123 18.17 -9.47 2.70
CA VAL A 123 18.82 -10.77 2.83
C VAL A 123 18.10 -11.74 1.90
N VAL A 124 18.87 -12.49 1.12
CA VAL A 124 18.30 -13.35 0.09
C VAL A 124 18.88 -14.76 0.23
N VAL A 125 18.05 -15.77 0.05
CA VAL A 125 18.49 -17.16 0.10
C VAL A 125 18.01 -17.92 -1.14
N PRO A 126 18.72 -18.97 -1.55
CA PRO A 126 18.21 -19.80 -2.64
C PRO A 126 16.98 -20.57 -2.21
N CYS A 127 16.04 -20.73 -3.14
CA CYS A 127 14.92 -21.60 -2.88
C CYS A 127 15.38 -23.04 -2.80
N GLU A 128 14.85 -23.77 -1.83
CA GLU A 128 15.07 -25.21 -1.76
C GLU A 128 13.72 -25.87 -1.58
N PRO A 129 13.49 -27.02 -2.22
CA PRO A 129 12.19 -27.67 -2.13
C PRO A 129 11.97 -28.23 -0.74
N PRO A 130 10.71 -28.47 -0.35
CA PRO A 130 10.44 -29.04 0.97
C PRO A 130 11.16 -30.37 1.18
N GLU A 131 11.52 -30.62 2.44
CA GLU A 131 12.04 -31.93 2.79
C GLU A 131 10.98 -33.00 2.58
N VAL A 132 11.43 -34.23 2.38
CA VAL A 132 10.52 -35.35 2.18
C VAL A 132 9.56 -35.43 3.36
N GLY A 133 8.26 -35.48 3.06
CA GLY A 133 7.24 -35.48 4.09
C GLY A 133 6.69 -34.12 4.44
N SER A 134 7.24 -33.05 3.87
CA SER A 134 6.73 -31.71 4.10
C SER A 134 6.16 -31.14 2.82
N ASP A 135 5.24 -30.19 2.97
CA ASP A 135 4.57 -29.55 1.85
C ASP A 135 5.00 -28.11 1.63
N CYS A 136 5.84 -27.56 2.51
CA CYS A 136 6.31 -26.19 2.35
C CYS A 136 7.73 -26.13 2.85
N THR A 137 8.37 -25.00 2.59
CA THR A 137 9.71 -24.74 3.10
CA THR A 137 9.72 -24.72 3.06
C THR A 137 9.64 -23.58 4.07
N THR A 138 10.49 -23.62 5.09
CA THR A 138 10.49 -22.61 6.13
C THR A 138 11.83 -21.89 6.14
N ILE A 139 11.79 -20.56 6.21
CA ILE A 139 12.96 -19.74 6.46
C ILE A 139 12.86 -19.21 7.89
N HIS A 140 13.97 -19.23 8.60
CA HIS A 140 14.01 -18.73 9.97
C HIS A 140 14.67 -17.34 9.97
N TYR A 141 13.88 -16.32 10.27
CA TYR A 141 14.38 -14.95 10.32
C TYR A 141 14.60 -14.51 11.77
N ASN A 142 15.50 -13.55 11.94
CA ASN A 142 15.70 -12.87 13.21
C ASN A 142 15.62 -11.37 12.97
N TYR A 143 14.99 -10.66 13.90
CA TYR A 143 14.93 -9.20 13.86
C TYR A 143 15.81 -8.66 14.98
N MET A 144 16.75 -7.77 14.63
CA MET A 144 17.89 -7.48 15.49
C MET A 144 17.83 -6.15 16.22
N CYS A 145 16.66 -5.48 16.23
CA CYS A 145 16.39 -4.31 17.04
C CYS A 145 14.94 -4.37 17.48
N TYR A 146 14.63 -3.72 18.60
CA TYR A 146 13.26 -3.52 19.01
C TYR A 146 12.61 -2.41 18.18
N SER A 147 11.29 -2.54 18.00
CA SER A 147 10.55 -1.46 17.36
C SER A 147 10.75 -0.13 18.06
N SER A 148 10.98 -0.17 19.38
CA SER A 148 11.13 1.03 20.20
C SER A 148 12.53 1.62 20.18
N CYS A 149 13.51 1.00 19.52
CA CYS A 149 14.91 1.44 19.70
C CYS A 149 15.09 2.89 19.28
N MET A 150 15.65 3.68 20.18
CA MET A 150 15.89 5.09 19.92
C MET A 150 16.96 5.27 18.85
N GLY A 151 16.73 6.23 17.96
CA GLY A 151 17.65 6.45 16.86
C GLY A 151 17.59 5.41 15.76
N GLY A 152 16.74 4.40 15.91
CA GLY A 152 16.49 3.42 14.87
C GLY A 152 15.03 3.45 14.50
N MET A 153 14.33 2.33 14.66
CA MET A 153 12.91 2.33 14.32
C MET A 153 12.11 3.33 15.14
N ASN A 154 12.50 3.57 16.40
CA ASN A 154 11.96 4.67 17.19
C ASN A 154 10.43 4.66 17.25
N ARG A 155 9.89 3.45 17.51
CA ARG A 155 8.46 3.17 17.69
CA ARG A 155 8.46 3.18 17.70
C ARG A 155 7.67 3.20 16.39
N ARG A 156 8.32 3.39 15.25
CA ARG A 156 7.61 3.41 13.98
C ARG A 156 7.37 1.98 13.49
N PRO A 157 6.15 1.64 13.09
CA PRO A 157 5.89 0.29 12.57
CA PRO A 157 5.89 0.30 12.57
C PRO A 157 6.61 0.05 11.25
N ILE A 158 6.98 -1.21 11.04
CA ILE A 158 7.62 -1.65 9.81
C ILE A 158 6.82 -2.78 9.17
N LEU A 159 7.03 -2.94 7.87
N LEU A 159 7.12 -3.01 7.89
CA LEU A 159 6.60 -4.12 7.14
CA LEU A 159 6.56 -4.11 7.13
C LEU A 159 7.84 -4.88 6.71
C LEU A 159 7.70 -4.88 6.49
N THR A 160 7.70 -6.20 6.63
CA THR A 160 8.64 -7.04 5.91
C THR A 160 8.01 -7.43 4.59
N ILE A 161 8.75 -7.22 3.51
CA ILE A 161 8.34 -7.63 2.17
C ILE A 161 9.17 -8.83 1.77
N ILE A 162 8.50 -9.92 1.40
CA ILE A 162 9.17 -11.14 0.97
C ILE A 162 8.91 -11.27 -0.53
N THR A 163 9.98 -11.35 -1.31
CA THR A 163 9.84 -11.46 -2.76
CA THR A 163 9.89 -11.44 -2.77
C THR A 163 10.48 -12.75 -3.24
N LEU A 164 9.77 -13.41 -4.16
CA LEU A 164 10.30 -14.54 -4.90
C LEU A 164 10.89 -13.95 -6.18
N GLU A 165 12.15 -14.27 -6.47
CA GLU A 165 12.88 -13.63 -7.55
C GLU A 165 13.55 -14.68 -8.42
N ASP A 166 13.68 -14.38 -9.73
CA ASP A 166 14.46 -15.25 -10.59
C ASP A 166 15.95 -15.01 -10.39
N SER A 167 16.77 -15.72 -11.15
CA SER A 167 18.21 -15.68 -10.93
C SER A 167 18.82 -14.31 -11.22
N SER A 168 18.14 -13.47 -12.03
CA SER A 168 18.59 -12.11 -12.29
C SER A 168 17.99 -11.08 -11.35
N GLY A 169 17.15 -11.51 -10.40
CA GLY A 169 16.50 -10.61 -9.48
C GLY A 169 15.15 -10.09 -9.93
N ASN A 170 14.62 -10.59 -11.05
CA ASN A 170 13.30 -10.14 -11.52
C ASN A 170 12.20 -10.72 -10.64
N LEU A 171 11.14 -9.95 -10.50
CA LEU A 171 10.04 -10.30 -9.61
C LEU A 171 9.24 -11.49 -10.13
N LEU A 172 9.05 -12.50 -9.27
CA LEU A 172 8.14 -13.60 -9.55
C LEU A 172 6.94 -13.66 -8.62
N GLY A 173 7.05 -13.12 -7.43
CA GLY A 173 5.97 -13.18 -6.45
C GLY A 173 6.33 -12.27 -5.30
N ARG A 174 5.31 -11.85 -4.55
CA ARG A 174 5.51 -10.94 -3.44
C ARG A 174 4.43 -11.15 -2.38
N ASP A 175 4.83 -11.05 -1.12
CA ASP A 175 3.91 -11.06 0.01
C ASP A 175 4.53 -10.18 1.08
N SER A 176 3.77 -9.86 2.12
CA SER A 176 4.30 -8.96 3.15
C SER A 176 3.50 -9.10 4.43
N PHE A 177 4.08 -8.60 5.51
CA PHE A 177 3.45 -8.61 6.82
C PHE A 177 4.07 -7.51 7.68
N GLU A 178 3.26 -6.94 8.56
CA GLU A 178 3.77 -5.99 9.53
C GLU A 178 4.54 -6.74 10.62
N VAL A 179 5.51 -6.06 11.23
CA VAL A 179 6.29 -6.64 12.32
C VAL A 179 6.36 -5.67 13.48
N ARG A 180 6.20 -6.20 14.70
CA ARG A 180 6.53 -5.49 15.92
C ARG A 180 7.53 -6.34 16.68
N VAL A 181 8.70 -5.79 16.96
CA VAL A 181 9.69 -6.47 17.76
C VAL A 181 9.60 -5.89 19.17
N CYS A 182 9.28 -6.74 20.15
CA CYS A 182 8.88 -6.24 21.46
C CYS A 182 9.20 -7.29 22.52
N ALA A 183 9.17 -6.86 23.78
CA ALA A 183 9.53 -7.76 24.87
C ALA A 183 8.46 -8.82 25.14
N CYS A 184 7.19 -8.51 24.92
CA CYS A 184 6.09 -9.43 25.23
CA CYS A 184 6.09 -9.43 25.24
C CYS A 184 5.15 -9.55 24.05
N PRO A 185 5.53 -10.34 23.05
CA PRO A 185 4.70 -10.45 21.84
C PRO A 185 3.30 -11.01 22.09
N GLY A 186 3.14 -11.94 23.03
CA GLY A 186 1.82 -12.49 23.29
C GLY A 186 0.86 -11.46 23.84
N ARG A 187 1.32 -10.68 24.83
CA ARG A 187 0.48 -9.62 25.38
C ARG A 187 0.19 -8.55 24.34
N ASP A 188 1.19 -8.18 23.54
CA ASP A 188 0.97 -7.11 22.56
C ASP A 188 0.02 -7.57 21.47
N ARG A 189 0.12 -8.83 21.03
CA ARG A 189 -0.84 -9.34 20.06
C ARG A 189 -2.25 -9.30 20.62
N ARG A 190 -2.43 -9.73 21.88
CA ARG A 190 -3.76 -9.70 22.49
C ARG A 190 -4.29 -8.28 22.57
N THR A 191 -3.45 -7.34 22.97
CA THR A 191 -3.86 -5.94 23.09
C THR A 191 -4.29 -5.38 21.74
N GLU A 192 -3.48 -5.60 20.71
CA GLU A 192 -3.79 -5.01 19.41
C GLU A 192 -4.99 -5.67 18.75
N GLU A 193 -5.17 -6.99 18.95
CA GLU A 193 -6.37 -7.63 18.44
C GLU A 193 -7.62 -7.14 19.16
N GLU A 194 -7.48 -6.82 20.46
CA GLU A 194 -8.59 -6.23 21.19
C GLU A 194 -8.90 -4.82 20.69
N ASN A 195 -7.86 -4.03 20.39
CA ASN A 195 -8.07 -2.70 19.84
C ASN A 195 -8.70 -2.75 18.45
N LEU A 196 -8.45 -3.82 17.69
CA LEU A 196 -9.04 -3.97 16.36
C LEU A 196 -10.50 -4.36 16.46
N ARG A 197 -10.83 -5.32 17.32
CA ARG A 197 -12.17 -5.40 17.86
C ARG A 197 -12.39 -4.09 18.62
N LYS A 198 -13.55 -3.89 19.24
CA LYS A 198 -13.87 -2.58 19.81
C LYS A 198 -14.04 -1.52 18.71
N LYS A 199 -13.14 -1.51 17.73
CA LYS A 199 -13.22 -0.56 16.63
C LYS A 199 -14.06 -1.09 15.47
N SER B 1 -4.44 30.47 -13.40
CA SER B 1 -5.77 29.97 -13.72
C SER B 1 -5.73 29.11 -14.98
N SER B 2 -6.62 28.12 -15.05
CA SER B 2 -6.57 27.13 -16.11
C SER B 2 -7.98 26.85 -16.61
N SER B 3 -8.08 26.37 -17.85
CA SER B 3 -9.36 25.97 -18.41
C SER B 3 -9.96 24.83 -17.61
N VAL B 4 -11.27 24.65 -17.73
CA VAL B 4 -12.03 23.74 -16.88
C VAL B 4 -12.34 22.46 -17.64
N PRO B 5 -11.89 21.30 -17.16
CA PRO B 5 -12.24 20.03 -17.81
C PRO B 5 -13.74 19.76 -17.71
N SER B 6 -14.29 19.13 -18.75
CA SER B 6 -15.69 18.76 -18.71
C SER B 6 -15.95 17.72 -17.64
N GLN B 7 -17.12 17.82 -17.01
CA GLN B 7 -17.60 16.81 -16.07
C GLN B 7 -18.84 16.10 -16.58
N LYS B 8 -19.20 16.28 -17.85
CA LYS B 8 -20.46 15.72 -18.34
C LYS B 8 -20.38 14.20 -18.49
N THR B 9 -21.36 13.50 -17.96
CA THR B 9 -21.41 12.06 -18.09
C THR B 9 -21.55 11.67 -19.57
N TYR B 10 -20.74 10.71 -19.98
CA TYR B 10 -20.71 10.29 -21.38
C TYR B 10 -20.31 8.83 -21.42
N GLN B 11 -21.28 7.93 -21.69
CA GLN B 11 -20.95 6.52 -21.69
C GLN B 11 -20.10 6.11 -22.89
N GLY B 12 -20.30 6.77 -24.03
CA GLY B 12 -19.52 6.46 -25.21
C GLY B 12 -19.82 5.08 -25.77
N SER B 13 -18.99 4.70 -26.74
CA SER B 13 -19.24 3.50 -27.53
C SER B 13 -19.16 2.22 -26.70
N TYR B 14 -18.40 2.23 -25.60
CA TYR B 14 -18.22 1.04 -24.80
C TYR B 14 -19.17 0.95 -23.61
N GLY B 15 -20.05 1.93 -23.43
CA GLY B 15 -20.98 1.90 -22.32
C GLY B 15 -20.30 2.05 -20.98
N PHE B 16 -19.35 2.99 -20.88
CA PHE B 16 -18.52 3.16 -19.71
C PHE B 16 -19.25 3.87 -18.60
N ARG B 17 -19.16 3.32 -17.38
CA ARG B 17 -19.70 4.00 -16.19
C ARG B 17 -19.03 3.45 -14.95
N LEU B 18 -19.16 4.20 -13.85
CA LEU B 18 -18.55 3.82 -12.59
C LEU B 18 -19.51 2.99 -11.73
N GLY B 19 -18.95 2.33 -10.73
CA GLY B 19 -19.74 1.70 -9.70
C GLY B 19 -19.00 1.77 -8.39
N PHE B 20 -19.75 1.62 -7.29
CA PHE B 20 -19.17 1.73 -5.96
C PHE B 20 -19.72 0.61 -5.08
N LEU B 21 -18.89 0.17 -4.13
CA LEU B 21 -19.31 -0.81 -3.16
C LEU B 21 -20.38 -0.21 -2.25
N HIS B 22 -21.08 -1.09 -1.53
CA HIS B 22 -22.06 -0.67 -0.53
C HIS B 22 -21.45 -0.93 0.84
N SER B 23 -20.73 0.06 1.34
CA SER B 23 -19.92 -0.11 2.55
C SER B 23 -20.63 0.33 3.82
N GLY B 24 -21.79 0.96 3.73
CA GLY B 24 -22.50 1.36 4.92
C GLY B 24 -21.92 2.61 5.58
N THR B 25 -22.47 2.92 6.76
CA THR B 25 -22.13 4.18 7.42
C THR B 25 -21.69 4.00 8.87
N ALA B 26 -21.20 2.81 9.24
CA ALA B 26 -20.69 2.60 10.58
C ALA B 26 -19.52 3.55 10.86
N LYS B 27 -19.29 3.81 12.16
CA LYS B 27 -18.27 4.76 12.54
C LYS B 27 -16.89 4.35 12.06
N SER B 28 -16.65 3.04 11.90
CA SER B 28 -15.34 2.52 11.52
C SER B 28 -15.09 2.53 10.02
N VAL B 29 -16.09 2.83 9.19
CA VAL B 29 -15.92 2.72 7.75
C VAL B 29 -14.92 3.75 7.25
N THR B 30 -14.04 3.33 6.33
CA THR B 30 -12.99 4.20 5.84
C THR B 30 -13.33 4.85 4.51
N CYS B 31 -14.31 4.31 3.79
CA CYS B 31 -14.73 4.84 2.51
C CYS B 31 -16.16 4.39 2.29
N THR B 32 -17.04 5.33 1.93
CA THR B 32 -18.44 4.98 1.70
C THR B 32 -19.03 5.93 0.66
N TYR B 33 -19.87 5.40 -0.21
CA TYR B 33 -20.41 6.14 -1.34
C TYR B 33 -21.91 6.37 -1.16
N SER B 34 -22.35 7.61 -1.40
CA SER B 34 -23.76 7.95 -1.33
C SER B 34 -24.34 8.09 -2.74
N PRO B 35 -25.16 7.14 -3.20
CA PRO B 35 -25.82 7.34 -4.49
C PRO B 35 -26.72 8.56 -4.53
N ALA B 36 -27.40 8.87 -3.42
CA ALA B 36 -28.33 10.00 -3.43
C ALA B 36 -27.60 11.32 -3.63
N LEU B 37 -26.37 11.43 -3.13
CA LEU B 37 -25.57 12.62 -3.28
C LEU B 37 -24.56 12.54 -4.42
N ASN B 38 -24.42 11.38 -5.07
CA ASN B 38 -23.29 11.06 -5.96
C ASN B 38 -21.98 11.55 -5.34
N LYS B 39 -21.72 11.08 -4.11
CA LYS B 39 -20.63 11.62 -3.33
C LYS B 39 -19.93 10.51 -2.57
N LEU B 40 -18.61 10.45 -2.73
CA LEU B 40 -17.76 9.52 -2.00
C LEU B 40 -17.22 10.23 -0.76
N PHE B 41 -17.28 9.57 0.38
CA PHE B 41 -16.73 10.06 1.64
C PHE B 41 -15.61 9.12 2.05
N CYS B 42 -14.42 9.66 2.32
CA CYS B 42 -13.31 8.77 2.64
C CYS B 42 -12.37 9.41 3.64
N GLN B 43 -11.63 8.56 4.35
CA GLN B 43 -10.58 9.03 5.24
C GLN B 43 -9.32 9.34 4.45
N LEU B 44 -8.44 10.12 5.06
CA LEU B 44 -7.21 10.55 4.43
C LEU B 44 -6.33 9.35 4.07
N ALA B 45 -5.96 9.28 2.79
CA ALA B 45 -4.98 8.32 2.28
C ALA B 45 -5.43 6.87 2.39
N LYS B 46 -6.71 6.62 2.63
CA LYS B 46 -7.19 5.25 2.71
C LYS B 46 -7.68 4.77 1.34
N THR B 47 -7.77 3.45 1.20
CA THR B 47 -8.17 2.84 -0.06
C THR B 47 -9.60 3.21 -0.42
N CYS B 48 -9.79 3.74 -1.62
CA CYS B 48 -11.12 4.03 -2.17
C CYS B 48 -11.32 3.17 -3.40
N PRO B 49 -12.07 2.08 -3.30
CA PRO B 49 -12.31 1.24 -4.48
C PRO B 49 -13.33 1.89 -5.41
N VAL B 50 -12.98 2.01 -6.67
CA VAL B 50 -13.87 2.52 -7.70
C VAL B 50 -13.96 1.47 -8.79
N GLN B 51 -15.18 1.03 -9.11
CA GLN B 51 -15.39 0.06 -10.15
C GLN B 51 -15.57 0.73 -11.49
N LEU B 52 -15.06 0.09 -12.54
CA LEU B 52 -15.32 0.47 -13.92
C LEU B 52 -16.18 -0.63 -14.52
N TRP B 53 -17.24 -0.22 -15.22
CA TRP B 53 -18.15 -1.11 -15.91
C TRP B 53 -18.22 -0.70 -17.37
N VAL B 54 -18.28 -1.69 -18.28
CA VAL B 54 -18.49 -1.44 -19.69
C VAL B 54 -19.47 -2.47 -20.25
N ASP B 55 -20.13 -2.10 -21.34
CA ASP B 55 -20.97 -3.05 -22.07
C ASP B 55 -20.18 -3.89 -23.05
N SER B 56 -19.02 -3.41 -23.49
CA SER B 56 -18.21 -4.13 -24.45
C SER B 56 -16.73 -3.84 -24.17
N THR B 57 -15.89 -4.78 -24.57
CA THR B 57 -14.47 -4.74 -24.24
C THR B 57 -13.75 -3.63 -25.01
N PRO B 58 -13.10 -2.69 -24.34
CA PRO B 58 -12.30 -1.69 -25.06
C PRO B 58 -11.00 -2.29 -25.56
N PRO B 59 -10.36 -1.65 -26.55
CA PRO B 59 -9.16 -2.23 -27.18
C PRO B 59 -7.96 -2.26 -26.25
N PRO B 60 -7.00 -3.15 -26.49
CA PRO B 60 -5.74 -3.10 -25.75
C PRO B 60 -5.10 -1.72 -25.85
N GLY B 61 -4.63 -1.20 -24.72
CA GLY B 61 -4.03 0.12 -24.68
C GLY B 61 -4.97 1.22 -24.22
N THR B 62 -6.26 0.92 -24.06
CA THR B 62 -7.17 1.87 -23.44
C THR B 62 -6.73 2.11 -22.00
N ARG B 63 -6.93 3.35 -21.52
CA ARG B 63 -6.51 3.73 -20.18
C ARG B 63 -7.64 4.43 -19.44
N VAL B 64 -7.49 4.54 -18.12
CA VAL B 64 -8.44 5.21 -17.25
C VAL B 64 -7.70 6.29 -16.49
N ARG B 65 -8.19 7.53 -16.58
CA ARG B 65 -7.56 8.69 -15.95
C ARG B 65 -8.48 9.28 -14.89
N ALA B 66 -7.89 9.77 -13.80
CA ALA B 66 -8.62 10.44 -12.74
C ALA B 66 -8.04 11.83 -12.55
N MET B 67 -8.92 12.81 -12.37
CA MET B 67 -8.54 14.20 -12.15
C MET B 67 -9.56 14.84 -11.21
N ALA B 68 -9.11 15.73 -10.33
CA ALA B 68 -10.03 16.45 -9.45
C ALA B 68 -10.21 17.88 -9.96
N ILE B 69 -11.43 18.41 -9.81
CA ILE B 69 -11.71 19.82 -10.01
C ILE B 69 -12.58 20.33 -8.87
N TYR B 70 -12.54 21.63 -8.63
CA TYR B 70 -13.47 22.21 -7.67
C TYR B 70 -14.88 22.24 -8.24
N LYS B 71 -15.86 21.98 -7.38
CA LYS B 71 -17.25 21.88 -7.80
C LYS B 71 -17.88 23.24 -8.02
N GLN B 72 -17.56 24.22 -7.18
CA GLN B 72 -18.22 25.52 -7.23
C GLN B 72 -17.68 26.36 -8.39
N SER B 73 -18.58 27.10 -9.03
CA SER B 73 -18.18 27.85 -10.22
C SER B 73 -17.08 28.87 -9.93
N GLN B 74 -17.07 29.46 -8.73
CA GLN B 74 -16.05 30.45 -8.40
C GLN B 74 -14.67 29.82 -8.22
N HIS B 75 -14.59 28.50 -8.03
CA HIS B 75 -13.32 27.84 -7.79
C HIS B 75 -12.90 26.89 -8.91
N MET B 76 -13.77 26.62 -9.88
CA MET B 76 -13.47 25.57 -10.85
CA MET B 76 -13.47 25.57 -10.85
C MET B 76 -12.24 25.85 -11.70
N THR B 77 -11.85 27.12 -11.88
CA THR B 77 -10.64 27.39 -12.67
C THR B 77 -9.34 27.21 -11.89
N GLU B 78 -9.40 26.95 -10.58
CA GLU B 78 -8.19 26.78 -9.78
C GLU B 78 -7.77 25.31 -9.78
N VAL B 79 -6.48 25.05 -10.00
CA VAL B 79 -5.99 23.67 -9.96
C VAL B 79 -6.17 23.10 -8.56
N VAL B 80 -6.75 21.91 -8.46
CA VAL B 80 -6.84 21.20 -7.19
C VAL B 80 -5.49 20.57 -6.90
N ARG B 81 -4.89 20.91 -5.76
CA ARG B 81 -3.58 20.40 -5.40
C ARG B 81 -3.53 20.15 -3.90
N ARG B 82 -2.50 19.44 -3.47
CA ARG B 82 -2.29 19.27 -2.04
C ARG B 82 -1.87 20.59 -1.40
N CYS B 83 -2.18 20.69 -0.10
CA CYS B 83 -1.98 21.90 0.68
C CYS B 83 -0.50 22.13 0.98
N PRO B 84 -0.14 23.31 1.48
CA PRO B 84 1.28 23.61 1.70
C PRO B 84 1.94 22.69 2.71
N HIS B 85 1.18 22.11 3.63
CA HIS B 85 1.74 21.16 4.58
C HIS B 85 1.97 19.80 3.92
N HIS B 86 0.92 19.24 3.34
CA HIS B 86 1.02 17.87 2.82
C HIS B 86 1.97 17.76 1.63
N GLU B 87 2.09 18.80 0.80
CA GLU B 87 3.04 18.70 -0.30
C GLU B 87 4.48 18.64 0.18
N ARG B 88 4.73 18.98 1.45
CA ARG B 88 6.07 19.01 2.03
C ARG B 88 6.31 17.91 3.07
N CYS B 89 5.45 16.89 3.16
N CYS B 89 5.44 16.89 3.11
CA CYS B 89 5.59 15.93 4.25
CA CYS B 89 5.47 15.87 4.16
C CYS B 89 6.30 14.65 3.84
C CYS B 89 6.42 14.71 3.89
N SER B 90 6.98 14.63 2.69
CA SER B 90 7.85 13.50 2.30
C SER B 90 7.12 12.16 2.32
N ASP B 91 5.86 12.16 1.89
CA ASP B 91 5.07 10.94 1.91
C ASP B 91 4.86 10.35 0.53
N SER B 92 5.66 10.75 -0.45
CA SER B 92 5.52 10.20 -1.79
C SER B 92 5.96 8.74 -1.82
N ASP B 93 5.45 8.01 -2.81
CA ASP B 93 5.77 6.61 -3.01
C ASP B 93 6.83 6.39 -4.08
N GLY B 94 7.55 7.45 -4.48
CA GLY B 94 8.48 7.37 -5.58
C GLY B 94 7.84 7.52 -6.95
N LEU B 95 6.52 7.44 -7.05
CA LEU B 95 5.79 7.61 -8.30
C LEU B 95 4.95 8.87 -8.31
N ALA B 96 4.11 9.05 -7.30
CA ALA B 96 3.23 10.23 -7.29
C ALA B 96 4.03 11.46 -6.90
N PRO B 97 3.94 12.55 -7.67
CA PRO B 97 4.53 13.80 -7.21
C PRO B 97 3.88 14.21 -5.91
N PRO B 98 4.62 14.85 -5.01
CA PRO B 98 4.04 15.20 -3.70
C PRO B 98 2.90 16.19 -3.77
N GLN B 99 2.73 16.90 -4.88
CA GLN B 99 1.65 17.86 -5.04
C GLN B 99 0.32 17.22 -5.41
N HIS B 100 0.32 16.00 -5.90
CA HIS B 100 -0.90 15.40 -6.45
C HIS B 100 -1.86 14.93 -5.36
N LEU B 101 -3.12 15.37 -5.46
CA LEU B 101 -4.12 14.92 -4.49
C LEU B 101 -4.46 13.45 -4.66
N ILE B 102 -4.66 13.00 -5.90
CA ILE B 102 -5.15 11.66 -6.17
C ILE B 102 -3.99 10.75 -6.53
N ARG B 103 -3.85 9.64 -5.80
CA ARG B 103 -2.92 8.59 -6.13
C ARG B 103 -3.68 7.31 -6.48
N VAL B 104 -3.03 6.44 -7.24
CA VAL B 104 -3.49 5.07 -7.41
C VAL B 104 -2.64 4.19 -6.51
N GLU B 105 -3.29 3.32 -5.76
CA GLU B 105 -2.63 2.41 -4.84
C GLU B 105 -2.40 1.07 -5.53
N GLY B 106 -1.18 0.55 -5.40
CA GLY B 106 -0.91 -0.82 -5.81
C GLY B 106 -0.93 -1.08 -7.30
N ASN B 107 -0.43 -0.15 -8.11
CA ASN B 107 -0.32 -0.36 -9.54
C ASN B 107 0.94 0.34 -10.03
N LEU B 108 2.00 -0.45 -10.27
CA LEU B 108 3.25 0.14 -10.73
C LEU B 108 3.18 0.72 -12.13
N ARG B 109 2.08 0.48 -12.86
CA ARG B 109 1.91 1.08 -14.18
C ARG B 109 1.18 2.42 -14.13
N ALA B 110 0.84 2.91 -12.94
CA ALA B 110 0.24 4.23 -12.84
C ALA B 110 1.24 5.28 -13.31
N GLU B 111 0.73 6.27 -14.04
CA GLU B 111 1.52 7.40 -14.50
C GLU B 111 0.84 8.67 -14.04
N TYR B 112 1.65 9.65 -13.65
CA TYR B 112 1.17 10.91 -13.12
C TYR B 112 1.53 12.02 -14.10
N LEU B 113 0.55 12.84 -14.44
CA LEU B 113 0.71 13.91 -15.41
C LEU B 113 0.53 15.27 -14.74
N ASP B 114 1.49 16.17 -14.97
CA ASP B 114 1.33 17.60 -14.77
C ASP B 114 1.11 18.18 -16.16
N ASP B 115 -0.12 18.62 -16.46
CA ASP B 115 -0.42 19.06 -17.81
C ASP B 115 0.39 20.31 -18.14
N ARG B 116 1.09 20.28 -19.27
CA ARG B 116 2.00 21.38 -19.60
C ARG B 116 1.27 22.67 -19.93
N ASN B 117 -0.02 22.61 -20.27
CA ASN B 117 -0.78 23.81 -20.62
C ASN B 117 -1.71 24.28 -19.51
N THR B 118 -2.42 23.35 -18.85
CA THR B 118 -3.38 23.70 -17.81
C THR B 118 -2.82 23.58 -16.41
N PHE B 119 -1.68 22.92 -16.24
CA PHE B 119 -1.06 22.66 -14.95
C PHE B 119 -1.88 21.75 -14.06
N ARG B 120 -2.93 21.15 -14.58
CA ARG B 120 -3.73 20.25 -13.77
C ARG B 120 -3.06 18.90 -13.63
N HIS B 121 -3.35 18.23 -12.52
CA HIS B 121 -2.77 16.94 -12.19
C HIS B 121 -3.74 15.84 -12.54
N SER B 122 -3.19 14.69 -12.96
CA SER B 122 -4.03 13.52 -13.13
C SER B 122 -3.17 12.28 -12.97
N VAL B 123 -3.84 11.16 -12.76
CA VAL B 123 -3.18 9.86 -12.66
C VAL B 123 -3.91 8.89 -13.58
N VAL B 124 -3.16 8.13 -14.36
CA VAL B 124 -3.72 7.29 -15.40
C VAL B 124 -3.15 5.88 -15.29
N VAL B 125 -4.00 4.87 -15.49
CA VAL B 125 -3.55 3.49 -15.46
C VAL B 125 -4.06 2.75 -16.69
N PRO B 126 -3.39 1.70 -17.12
CA PRO B 126 -3.92 0.89 -18.22
C PRO B 126 -5.18 0.15 -17.78
N CYS B 127 -6.13 0.04 -18.71
CA CYS B 127 -7.27 -0.86 -18.50
C CYS B 127 -6.78 -2.30 -18.46
N GLU B 128 -7.32 -3.06 -17.51
CA GLU B 128 -7.12 -4.50 -17.46
C GLU B 128 -8.48 -5.16 -17.31
N PRO B 129 -8.66 -6.34 -17.90
CA PRO B 129 -9.97 -7.01 -17.81
C PRO B 129 -10.25 -7.44 -16.38
N PRO B 130 -11.52 -7.67 -16.04
CA PRO B 130 -11.85 -8.16 -14.70
C PRO B 130 -11.15 -9.46 -14.39
N GLU B 131 -10.81 -9.65 -13.11
CA GLU B 131 -10.26 -10.91 -12.66
C GLU B 131 -11.31 -12.02 -12.83
N VAL B 132 -10.83 -13.27 -12.81
CA VAL B 132 -11.73 -14.41 -12.87
C VAL B 132 -12.71 -14.34 -11.70
N GLY B 133 -14.00 -14.54 -11.99
CA GLY B 133 -15.01 -14.46 -10.96
C GLY B 133 -15.51 -13.08 -10.64
N SER B 134 -15.14 -12.08 -11.44
CA SER B 134 -15.63 -10.72 -11.27
C SER B 134 -16.15 -10.20 -12.60
N ASP B 135 -17.12 -9.29 -12.52
CA ASP B 135 -17.75 -8.71 -13.70
C ASP B 135 -17.27 -7.30 -14.00
N CYS B 136 -16.43 -6.74 -13.15
CA CYS B 136 -15.94 -5.38 -13.35
C CYS B 136 -14.49 -5.32 -12.89
N THR B 137 -13.85 -4.22 -13.22
CA THR B 137 -12.49 -3.96 -12.79
C THR B 137 -12.52 -2.86 -11.74
N THR B 138 -11.63 -2.95 -10.76
CA THR B 138 -11.57 -1.99 -9.67
C THR B 138 -10.22 -1.30 -9.69
N ILE B 139 -10.23 0.01 -9.51
CA ILE B 139 -9.02 0.79 -9.26
C ILE B 139 -9.12 1.29 -7.82
N HIS B 140 -8.01 1.24 -7.10
N HIS B 140 -8.01 1.19 -7.09
CA HIS B 140 -7.95 1.72 -5.72
CA HIS B 140 -7.92 1.72 -5.74
C HIS B 140 -7.27 3.08 -5.69
C HIS B 140 -7.28 3.11 -5.79
N TYR B 141 -8.04 4.12 -5.38
CA TYR B 141 -7.53 5.48 -5.30
C TYR B 141 -7.26 5.85 -3.84
N ASN B 142 -6.36 6.79 -3.65
CA ASN B 142 -6.10 7.41 -2.35
C ASN B 142 -6.18 8.92 -2.53
N TYR B 143 -6.84 9.59 -1.61
CA TYR B 143 -6.90 11.05 -1.59
C TYR B 143 -6.00 11.56 -0.48
N MET B 144 -5.09 12.47 -0.81
CA MET B 144 -3.93 12.74 0.04
C MET B 144 -3.99 14.05 0.84
N CYS B 145 -5.15 14.72 0.86
CA CYS B 145 -5.41 15.83 1.76
C CYS B 145 -6.85 15.71 2.24
N TYR B 146 -7.13 16.28 3.40
CA TYR B 146 -8.50 16.45 3.85
C TYR B 146 -9.17 17.58 3.06
N SER B 147 -10.49 17.47 2.90
CA SER B 147 -11.24 18.56 2.30
C SER B 147 -11.00 19.87 3.04
N SER B 148 -10.72 19.81 4.34
CA SER B 148 -10.55 21.01 5.15
C SER B 148 -9.13 21.58 5.13
N CYS B 149 -8.18 20.96 4.43
CA CYS B 149 -6.78 21.38 4.58
C CYS B 149 -6.59 22.86 4.24
N MET B 150 -6.01 23.61 5.17
CA MET B 150 -5.79 25.03 4.97
C MET B 150 -4.77 25.24 3.86
N GLY B 151 -5.03 26.22 3.01
CA GLY B 151 -4.15 26.49 1.89
C GLY B 151 -4.24 25.50 0.74
N GLY B 152 -5.03 24.44 0.89
CA GLY B 152 -5.33 23.52 -0.19
C GLY B 152 -6.81 23.58 -0.53
N MET B 153 -7.50 22.46 -0.40
CA MET B 153 -8.93 22.46 -0.70
C MET B 153 -9.70 23.43 0.20
N ASN B 154 -9.28 23.60 1.45
CA ASN B 154 -9.80 24.66 2.32
C ASN B 154 -11.33 24.67 2.40
N ARG B 155 -11.90 23.48 2.59
CA ARG B 155 -13.34 23.24 2.80
C ARG B 155 -14.14 23.34 1.50
N ARG B 156 -13.49 23.54 0.37
CA ARG B 156 -14.21 23.64 -0.91
C ARG B 156 -14.47 22.25 -1.47
N PRO B 157 -15.71 21.94 -1.85
CA PRO B 157 -15.99 20.62 -2.41
C PRO B 157 -15.32 20.41 -3.75
N ILE B 158 -14.93 19.16 -3.99
CA ILE B 158 -14.32 18.76 -5.25
C ILE B 158 -15.14 17.65 -5.90
N LEU B 159 -14.91 17.51 -7.20
CA LEU B 159 -15.37 16.36 -7.97
C LEU B 159 -14.16 15.62 -8.50
N THR B 160 -14.26 14.30 -8.58
CA THR B 160 -13.31 13.49 -9.35
C THR B 160 -13.96 13.15 -10.68
N ILE B 161 -13.24 13.40 -11.77
CA ILE B 161 -13.67 13.07 -13.12
C ILE B 161 -12.84 11.87 -13.56
N ILE B 162 -13.52 10.79 -13.94
CA ILE B 162 -12.88 9.59 -14.43
C ILE B 162 -13.13 9.50 -15.92
N THR B 163 -12.06 9.41 -16.70
CA THR B 163 -12.20 9.32 -18.14
CA THR B 163 -12.14 9.36 -18.15
C THR B 163 -11.58 8.04 -18.66
N LEU B 164 -12.30 7.41 -19.59
CA LEU B 164 -11.78 6.30 -20.36
C LEU B 164 -11.18 6.90 -21.62
N GLU B 165 -9.93 6.55 -21.96
CA GLU B 165 -9.19 7.18 -23.04
C GLU B 165 -8.53 6.14 -23.92
N ASP B 166 -8.38 6.45 -25.21
CA ASP B 166 -7.60 5.56 -26.06
C ASP B 166 -6.10 5.80 -25.80
N SER B 167 -5.25 5.06 -26.51
CA SER B 167 -3.82 5.12 -26.24
C SER B 167 -3.21 6.47 -26.59
N SER B 168 -3.88 7.29 -27.40
CA SER B 168 -3.46 8.66 -27.68
C SER B 168 -3.95 9.66 -26.67
N GLY B 169 -4.85 9.27 -25.76
CA GLY B 169 -5.47 10.20 -24.85
C GLY B 169 -6.80 10.74 -25.31
N ASN B 170 -7.34 10.28 -26.44
CA ASN B 170 -8.64 10.75 -26.89
C ASN B 170 -9.76 10.18 -26.01
N LEU B 171 -10.79 11.00 -25.81
CA LEU B 171 -11.87 10.66 -24.91
C LEU B 171 -12.72 9.52 -25.48
N LEU B 172 -12.97 8.49 -24.66
CA LEU B 172 -13.91 7.44 -25.00
C LEU B 172 -15.13 7.40 -24.08
N GLY B 173 -14.99 7.85 -22.84
CA GLY B 173 -16.10 7.84 -21.89
C GLY B 173 -15.73 8.70 -20.70
N ARG B 174 -16.76 9.14 -19.97
CA ARG B 174 -16.53 10.05 -18.85
C ARG B 174 -17.61 9.83 -17.79
N ASP B 175 -17.22 9.91 -16.52
CA ASP B 175 -18.14 9.86 -15.39
C ASP B 175 -17.49 10.66 -14.29
N SER B 176 -18.25 10.93 -13.22
CA SER B 176 -17.71 11.77 -12.15
C SER B 176 -18.47 11.56 -10.86
N PHE B 177 -17.87 11.99 -9.76
CA PHE B 177 -18.48 11.92 -8.45
C PHE B 177 -17.86 12.98 -7.54
N GLU B 178 -18.65 13.51 -6.62
CA GLU B 178 -18.13 14.42 -5.62
C GLU B 178 -17.34 13.62 -4.58
N VAL B 179 -16.37 14.28 -3.93
CA VAL B 179 -15.57 13.64 -2.90
C VAL B 179 -15.48 14.56 -1.68
N ARG B 180 -15.62 13.98 -0.49
CA ARG B 180 -15.26 14.65 0.76
C ARG B 180 -14.26 13.74 1.46
N VAL B 181 -13.08 14.28 1.76
CA VAL B 181 -12.07 13.58 2.53
C VAL B 181 -12.15 14.09 3.95
N CYS B 182 -12.44 13.21 4.90
CA CYS B 182 -12.81 13.63 6.23
C CYS B 182 -12.49 12.51 7.23
N ALA B 183 -12.50 12.88 8.51
CA ALA B 183 -12.11 11.94 9.56
C ALA B 183 -13.16 10.86 9.78
N CYS B 184 -14.45 11.17 9.61
CA CYS B 184 -15.54 10.25 9.93
CA CYS B 184 -15.53 10.24 9.91
C CYS B 184 -16.49 10.17 8.73
N PRO B 185 -16.12 9.41 7.70
CA PRO B 185 -16.97 9.34 6.49
C PRO B 185 -18.37 8.81 6.75
N GLY B 186 -18.51 7.82 7.62
CA GLY B 186 -19.84 7.28 7.88
C GLY B 186 -20.78 8.30 8.49
N ARG B 187 -20.28 9.03 9.51
CA ARG B 187 -21.10 10.06 10.12
C ARG B 187 -21.42 11.17 9.15
N ASP B 188 -20.44 11.60 8.36
CA ASP B 188 -20.68 12.71 7.45
C ASP B 188 -21.65 12.32 6.34
N ARG B 189 -21.57 11.08 5.86
CA ARG B 189 -22.56 10.63 4.88
C ARG B 189 -23.96 10.62 5.47
N ARG B 190 -24.10 10.09 6.69
CA ARG B 190 -25.42 10.10 7.35
C ARG B 190 -25.94 11.52 7.51
N THR B 191 -25.07 12.45 7.93
CA THR B 191 -25.49 13.84 8.12
C THR B 191 -25.93 14.46 6.81
N GLU B 192 -25.12 14.32 5.76
CA GLU B 192 -25.46 14.96 4.50
C GLU B 192 -26.68 14.35 3.84
N GLU B 193 -26.88 13.02 3.99
CA GLU B 193 -28.10 12.40 3.49
C GLU B 193 -29.33 12.84 4.29
N GLU B 194 -29.16 13.04 5.60
CA GLU B 194 -30.25 13.54 6.42
C GLU B 194 -30.61 14.97 6.02
N ASN B 195 -29.60 15.79 5.73
CA ASN B 195 -29.85 17.14 5.24
C ASN B 195 -30.62 17.13 3.93
N LEU B 196 -30.30 16.18 3.05
CA LEU B 196 -30.97 16.12 1.75
C LEU B 196 -32.46 15.88 1.90
N ARG B 197 -32.85 15.03 2.85
CA ARG B 197 -34.28 14.80 3.10
C ARG B 197 -34.97 16.09 3.53
N LYS B 198 -34.34 16.84 4.44
CA LYS B 198 -34.91 18.11 4.91
C LYS B 198 -34.53 19.24 3.96
ZN ZN C . 18.30 -1.34 18.50
C10 9GT D . 14.24 -23.87 -6.87
C13 9GT D . 10.31 -20.75 -2.13
C01 9GT D . 9.92 -25.97 -4.75
C02 9GT D . 10.48 -24.79 -4.25
C03 9GT D . 9.85 -24.15 -3.17
C04 9GT D . 8.67 -24.70 -2.62
C05 9GT D . 8.13 -25.88 -3.13
C06 9GT D . 8.75 -26.52 -4.20
C07 9GT D . 8.21 -27.80 -4.79
C08 9GT D . 12.35 -24.98 -5.68
C09 9GT D . 13.74 -24.44 -5.77
C11 9GT D . 11.27 -22.74 -1.68
C12 9GT D . 11.31 -21.40 -1.37
C14 9GT D . 9.69 -21.71 -2.87
I01 9GT D . 7.69 -23.79 -0.99
N01 9GT D . 10.28 -22.93 -2.62
O01 9GT D . 6.98 -26.41 -2.58
O02 9GT D . 7.17 -28.27 -4.24
O03 9GT D . 8.82 -28.28 -5.78
O04 9GT D . 11.60 -24.21 -4.74
ZN ZN E . -3.40 18.71 3.19
C10 9GT F . -8.09 -3.10 -22.53
C13 9GT F . -11.90 0.03 -17.79
C01 9GT F . -12.36 -5.22 -20.40
C02 9GT F . -11.79 -4.03 -19.91
C03 9GT F . -12.42 -3.38 -18.84
C04 9GT F . -13.61 -3.90 -18.31
C05 9GT F . -14.17 -5.08 -18.82
C06 9GT F . -13.55 -5.75 -19.88
C07 9GT F . -14.12 -7.02 -20.45
C08 9GT F . -9.89 -4.30 -21.29
C09 9GT F . -8.52 -3.72 -21.42
C11 9GT F . -10.95 -1.98 -17.36
C12 9GT F . -10.89 -0.64 -17.07
C14 9GT F . -12.55 -0.94 -18.53
I01 9GT F . -14.61 -2.96 -16.69
N01 9GT F . -11.96 -2.17 -18.28
O01 9GT F . -15.33 -5.58 -18.27
O02 9GT F . -15.19 -7.45 -19.94
O03 9GT F . -13.48 -7.52 -21.43
O04 9GT F . -10.62 -3.49 -20.39
C1 GOL G . 2.90 21.69 -10.05
O1 GOL G . 2.32 21.04 -8.95
C2 GOL G . 2.08 21.39 -11.32
O2 GOL G . 0.78 21.94 -11.23
C3 GOL G . 2.83 21.97 -12.51
O3 GOL G . 2.14 21.64 -13.70
C1 GOL H . -9.76 16.84 9.56
O1 GOL H . -9.32 16.30 10.79
C2 GOL H . -11.28 17.06 9.61
O2 GOL H . -11.60 18.22 8.88
C3 GOL H . -11.97 15.89 8.94
O3 GOL H . -13.37 15.99 9.08
#